data_2BB4
#
_entry.id   2BB4
#
_cell.length_a   49.884
_cell.length_b   57.582
_cell.length_c   74.142
_cell.angle_alpha   90.00
_cell.angle_beta   90.00
_cell.angle_gamma   90.00
#
_symmetry.space_group_name_H-M   'P 21 21 21'
#
loop_
_entity.id
_entity.type
_entity.pdbx_description
1 polymer beta-casomorphin-7
2 polymer 'Chymotrypsin-like elastase family member 1'
3 non-polymer 'CALCIUM ION'
4 non-polymer 'SULFATE ION'
5 water water
#
loop_
_entity_poly.entity_id
_entity_poly.type
_entity_poly.pdbx_seq_one_letter_code
_entity_poly.pdbx_strand_id
1 'polypeptide(L)' YPFVEPIDF P
2 'polypeptide(L)'
;VVGGTEAQRNSWPSQISLQYRSGSSWAHTCGGTLIRQNWVMTAAHCVDRELTFRVVVGEHNLNQNNGTEQYVGVQKIVVH
PYWNTDDVAAGYDIALLRLAQSVTLNSYVQLGVLPRAGTILANNSPCYITGWGLTRTNGQLAQTLQQAYLPTVDYAICSS
SSYWGSTVKNSMVCAGGDGVRSGCQGDSGGPLHCLVNGQYAVHGVTSFVSRLGCNVTRKPTVFTRVSAYISWINNVIASN
;
A
#
# COMPACT_ATOMS: atom_id res chain seq x y z
N PRO A 6 0.02 8.29 -9.53
CA PRO A 6 0.42 7.21 -8.59
C PRO A 6 1.02 7.82 -7.32
N ILE A 7 0.86 7.14 -6.20
CA ILE A 7 1.30 7.68 -4.91
C ILE A 7 2.11 6.68 -4.04
N ASP A 8 3.46 7.08 -3.78
CA ASP A 8 4.66 6.68 -4.51
C ASP A 8 5.68 7.79 -4.40
N PHE A 9 6.50 7.75 -3.35
CA PHE A 9 7.47 8.80 -3.09
N VAL B 1 -0.11 10.04 4.14
CA VAL B 1 -1.55 10.01 4.56
C VAL B 1 -1.91 11.41 5.01
N VAL B 2 -2.89 11.98 4.31
CA VAL B 2 -3.41 13.32 4.68
C VAL B 2 -4.56 13.08 5.68
N GLY B 3 -4.59 13.87 6.75
CA GLY B 3 -5.66 13.76 7.73
C GLY B 3 -5.58 12.50 8.56
N GLY B 4 -4.36 12.02 8.74
CA GLY B 4 -4.20 10.82 9.55
C GLY B 4 -3.96 11.13 11.01
N THR B 5 -3.83 10.05 11.77
CA THR B 5 -3.41 10.09 13.17
C THR B 5 -2.23 9.14 13.30
N GLU B 6 -1.37 9.36 14.31
CA GLU B 6 -0.26 8.43 14.50
C GLU B 6 -0.78 7.04 14.93
N ALA B 7 -0.37 6.02 14.19
CA ALA B 7 -0.70 4.64 14.53
C ALA B 7 0.06 4.26 15.83
N GLN B 8 -0.59 3.43 16.63
CA GLN B 8 0.13 2.72 17.69
C GLN B 8 1.18 1.84 17.00
N ARG B 9 2.34 1.68 17.66
CA ARG B 9 3.48 0.90 17.19
C ARG B 9 3.16 -0.55 16.79
N ASN B 10 2.12 -1.10 17.39
CA ASN B 10 1.81 -2.51 17.17
C ASN B 10 0.46 -2.77 16.51
N SER B 11 -0.17 -1.71 15.97
CA SER B 11 -1.46 -1.87 15.32
C SER B 11 -1.40 -2.58 13.96
N TRP B 12 -0.36 -2.27 13.17
CA TRP B 12 -0.28 -2.69 11.75
C TRP B 12 1.08 -3.33 11.47
N PRO B 13 1.32 -4.46 12.11
CA PRO B 13 2.68 -5.06 12.05
C PRO B 13 3.08 -5.62 10.67
N SER B 14 2.12 -5.70 9.75
CA SER B 14 2.47 -6.15 8.38
C SER B 14 2.93 -5.01 7.50
N GLN B 15 2.79 -3.76 7.95
CA GLN B 15 3.25 -2.61 7.16
C GLN B 15 4.76 -2.59 7.12
N ILE B 16 5.31 -2.40 5.92
CA ILE B 16 6.76 -2.22 5.75
C ILE B 16 7.07 -0.90 5.07
N SER B 17 8.31 -0.44 5.23
CA SER B 17 8.82 0.71 4.49
C SER B 17 9.74 0.18 3.40
N LEU B 18 9.45 0.59 2.14
CA LEU B 18 10.29 0.24 1.00
C LEU B 18 11.16 1.47 0.72
N GLN B 19 12.47 1.28 0.75
CA GLN B 19 13.41 2.42 0.70
C GLN B 19 14.41 2.19 -0.42
N TYR B 20 14.95 3.28 -0.93
CA TYR B 20 15.98 3.11 -1.96
C TYR B 20 17.26 3.79 -1.51
N ARG B 21 18.39 3.35 -2.07
CA ARG B 21 19.67 3.87 -1.67
C ARG B 21 19.83 5.24 -2.34
N SER B 22 20.19 6.24 -1.53
CA SER B 22 20.34 7.61 -1.99
C SER B 22 21.61 8.13 -1.34
N GLY B 23 22.66 8.27 -2.14
CA GLY B 23 23.97 8.64 -1.61
C GLY B 23 24.44 7.61 -0.61
N SER B 24 24.83 8.07 0.58
CA SER B 24 25.27 7.17 1.65
C SER B 24 24.11 6.77 2.56
N SER B 25 22.90 7.16 2.20
CA SER B 25 21.75 6.83 3.04
C SER B 25 20.63 6.11 2.30
N TRP B 26 19.49 5.93 2.99
CA TRP B 26 18.31 5.30 2.42
C TRP B 26 17.10 6.21 2.58
N ALA B 27 16.25 6.23 1.56
CA ALA B 27 15.09 7.10 1.54
C ALA B 27 13.84 6.29 1.38
N HIS B 28 12.85 6.55 2.22
CA HIS B 28 11.56 5.91 2.05
C HIS B 28 10.92 6.34 0.74
N THR B 29 10.37 5.37 -0.01
CA THR B 29 9.66 5.71 -1.24
C THR B 29 8.23 5.19 -1.31
N CYS B 30 8.00 4.01 -0.72
CA CYS B 30 6.69 3.37 -0.82
C CYS B 30 6.42 2.53 0.40
N GLY B 31 5.17 2.13 0.56
CA GLY B 31 4.81 1.10 1.55
C GLY B 31 4.79 -0.26 0.90
N GLY B 32 4.51 -1.23 1.74
CA GLY B 32 4.36 -2.64 1.37
C GLY B 32 3.71 -3.39 2.50
N THR B 33 3.28 -4.60 2.19
CA THR B 33 2.70 -5.52 3.16
C THR B 33 3.56 -6.78 3.19
N LEU B 34 4.03 -7.16 4.37
CA LEU B 34 4.76 -8.42 4.52
C LEU B 34 3.72 -9.55 4.43
N ILE B 35 3.85 -10.45 3.46
CA ILE B 35 2.85 -11.51 3.30
C ILE B 35 3.41 -12.89 3.55
N ARG B 36 4.74 -13.03 3.47
CA ARG B 36 5.49 -14.22 3.97
C ARG B 36 6.72 -13.71 4.69
N GLN B 37 7.40 -14.57 5.44
CA GLN B 37 8.58 -14.08 6.12
C GLN B 37 9.62 -13.56 5.14
N ASN B 38 9.59 -14.04 3.90
CA ASN B 38 10.51 -13.54 2.87
C ASN B 38 9.84 -12.96 1.63
N TRP B 39 8.58 -12.54 1.75
CA TRP B 39 7.89 -11.91 0.61
C TRP B 39 7.10 -10.68 1.03
N VAL B 40 7.26 -9.60 0.24
CA VAL B 40 6.50 -8.37 0.42
C VAL B 40 5.65 -8.08 -0.80
N MET B 41 4.41 -7.67 -0.57
CA MET B 41 3.50 -7.24 -1.61
C MET B 41 3.51 -5.72 -1.65
N THR B 42 3.72 -5.16 -2.85
CA THR B 42 3.76 -3.73 -3.02
C THR B 42 3.18 -3.35 -4.38
N ALA B 43 3.28 -2.07 -4.75
CA ALA B 43 2.75 -1.63 -6.04
C ALA B 43 3.83 -1.78 -7.11
N ALA B 44 3.43 -2.23 -8.30
CA ALA B 44 4.37 -2.27 -9.42
C ALA B 44 5.03 -0.91 -9.67
N HIS B 45 4.26 0.17 -9.60
CA HIS B 45 4.86 1.45 -9.95
C HIS B 45 5.98 1.86 -8.98
N CYS B 46 5.96 1.28 -7.77
CA CYS B 46 7.00 1.61 -6.78
C CYS B 46 8.36 1.10 -7.21
N VAL B 47 8.35 0.08 -8.06
CA VAL B 47 9.62 -0.53 -8.48
C VAL B 47 9.91 -0.40 -9.97
N ASP B 48 9.30 0.60 -10.64
CA ASP B 48 9.66 0.92 -12.07
C ASP B 48 11.09 1.46 -12.10
N ARG B 49 11.45 2.33 -11.15
CA ARG B 49 12.78 2.91 -11.22
C ARG B 49 13.86 1.87 -10.94
N GLU B 50 14.98 2.00 -11.64
CA GLU B 50 16.09 1.08 -11.52
C GLU B 50 16.95 1.32 -10.29
N LEU B 51 16.33 1.36 -9.13
CA LEU B 51 17.02 1.71 -7.88
C LEU B 51 17.46 0.48 -7.08
N THR B 52 18.33 0.69 -6.08
CA THR B 52 18.60 -0.36 -5.13
C THR B 52 17.57 -0.25 -4.01
N PHE B 53 16.84 -1.32 -3.75
CA PHE B 53 15.78 -1.24 -2.72
C PHE B 53 16.09 -2.09 -1.50
N ARG B 54 15.62 -1.65 -0.35
CA ARG B 54 15.62 -2.49 0.84
C ARG B 54 14.26 -2.38 1.47
N VAL B 55 13.91 -3.38 2.28
CA VAL B 55 12.67 -3.37 3.02
C VAL B 55 13.00 -3.20 4.50
N VAL B 56 12.24 -2.37 5.21
CA VAL B 56 12.33 -2.29 6.67
C VAL B 56 11.01 -2.77 7.30
N VAL B 57 11.12 -3.81 8.14
CA VAL B 57 9.98 -4.30 8.91
C VAL B 57 10.16 -3.81 10.33
N GLY B 58 9.08 -3.74 11.10
CA GLY B 58 9.22 -3.25 12.48
C GLY B 58 9.59 -1.78 12.51
N GLU B 59 9.22 -1.04 11.47
CA GLU B 59 9.50 0.39 11.45
C GLU B 59 8.33 1.21 11.97
N HIS B 60 8.64 2.28 12.72
CA HIS B 60 7.60 3.21 13.17
C HIS B 60 7.92 4.65 12.82
N ASN B 61 9.13 5.08 13.18
CA ASN B 61 9.58 6.42 12.92
C ASN B 61 10.75 6.38 11.95
N LEU B 62 10.57 6.99 10.78
CA LEU B 62 11.66 6.97 9.78
C LEU B 62 12.87 7.77 10.18
N ASN B 63 12.70 8.63 11.17
CA ASN B 63 13.77 9.56 11.53
C ASN B 63 14.39 9.27 12.89
N GLN B 64 14.02 8.13 13.47
CA GLN B 64 14.68 7.72 14.71
C GLN B 64 14.76 6.22 14.88
N ASN B 65 15.71 5.78 15.71
CA ASN B 65 15.87 4.34 16.01
C ASN B 65 14.73 3.93 16.91
N ASN B 66 13.91 3.00 16.44
CA ASN B 66 12.77 2.54 17.24
C ASN B 66 13.16 1.38 18.13
N GLY B 67 14.27 0.73 17.79
CA GLY B 67 14.73 -0.44 18.54
C GLY B 67 13.96 -1.69 18.18
N THR B 68 13.26 -1.65 17.06
CA THR B 68 12.42 -2.76 16.63
C THR B 68 12.62 -3.14 15.16
N GLU B 69 13.38 -2.33 14.42
CA GLU B 69 13.50 -2.48 12.97
C GLU B 69 14.34 -3.71 12.60
N GLN B 70 13.96 -4.38 11.50
CA GLN B 70 14.86 -5.30 10.80
C GLN B 70 15.01 -4.82 9.35
N TYR B 71 16.23 -4.75 8.86
CA TYR B 71 16.52 -4.21 7.53
C TYR B 71 16.92 -5.39 6.68
N VAL B 72 16.31 -5.50 5.51
CA VAL B 72 16.59 -6.65 4.63
C VAL B 72 16.63 -6.22 3.17
N GLY B 73 17.62 -6.74 2.44
CA GLY B 73 17.65 -6.41 1.03
C GLY B 73 16.58 -7.11 0.21
N VAL B 74 16.29 -6.53 -0.95
CA VAL B 74 15.40 -7.13 -1.92
C VAL B 74 16.20 -7.96 -2.90
N GLN B 75 15.89 -9.25 -2.93
CA GLN B 75 16.62 -10.23 -3.75
C GLN B 75 16.03 -10.44 -5.13
N LYS B 76 14.70 -10.34 -5.23
CA LYS B 76 14.05 -10.54 -6.50
C LYS B 76 12.77 -9.74 -6.57
N ILE B 77 12.49 -9.18 -7.76
CA ILE B 77 11.29 -8.36 -7.93
C ILE B 77 10.48 -8.99 -9.03
N VAL B 78 9.22 -9.31 -8.73
CA VAL B 78 8.29 -9.87 -9.72
C VAL B 78 7.10 -8.93 -9.88
N VAL B 79 7.09 -8.22 -11.01
CA VAL B 79 6.01 -7.27 -11.31
C VAL B 79 4.92 -8.04 -12.08
N HIS B 80 3.66 -7.69 -11.85
CA HIS B 80 2.62 -8.34 -12.62
C HIS B 80 2.93 -8.14 -14.10
N PRO B 81 2.90 -9.23 -14.88
CA PRO B 81 3.23 -9.12 -16.30
C PRO B 81 2.35 -8.25 -17.17
N TYR B 82 1.15 -7.89 -16.70
CA TYR B 82 0.31 -6.97 -17.44
C TYR B 82 0.50 -5.50 -17.06
N TRP B 83 1.31 -5.21 -16.04
CA TRP B 83 1.57 -3.83 -15.62
C TRP B 83 2.16 -3.02 -16.76
N ASN B 84 1.67 -1.80 -16.92
CA ASN B 84 2.23 -0.86 -17.92
C ASN B 84 2.40 0.47 -17.24
N THR B 85 3.64 0.89 -17.08
CA THR B 85 3.92 2.13 -16.36
C THR B 85 3.23 3.35 -16.97
N ASP B 86 2.99 3.28 -18.28
CA ASP B 86 2.32 4.32 -19.12
C ASP B 86 0.80 4.43 -18.83
N ASP B 87 0.27 3.50 -18.04
CA ASP B 87 -1.18 3.29 -17.92
C ASP B 87 -1.58 2.76 -16.52
N VAL B 88 -1.42 3.57 -15.47
CA VAL B 88 -1.76 3.12 -14.12
C VAL B 88 -3.24 2.77 -14.04
N ALA B 89 -4.07 3.47 -14.81
CA ALA B 89 -5.52 3.28 -14.81
C ALA B 89 -5.95 1.92 -15.36
N ALA B 90 -5.04 1.26 -16.10
CA ALA B 90 -5.35 -0.09 -16.61
C ALA B 90 -5.36 -1.14 -15.51
N GLY B 91 -4.69 -0.82 -14.39
CA GLY B 91 -4.62 -1.74 -13.24
C GLY B 91 -3.31 -2.50 -13.24
N TYR B 92 -3.33 -3.65 -12.57
CA TYR B 92 -2.18 -4.55 -12.48
C TYR B 92 -1.04 -3.90 -11.69
N ASP B 93 -1.39 -2.91 -10.86
CA ASP B 93 -0.37 -2.22 -10.05
C ASP B 93 -0.02 -3.01 -8.82
N ILE B 94 0.75 -4.07 -9.06
CA ILE B 94 1.10 -4.98 -7.95
C ILE B 94 2.40 -5.68 -8.32
N ALA B 95 3.22 -5.91 -7.30
CA ALA B 95 4.52 -6.56 -7.47
C ALA B 95 4.82 -7.30 -6.19
N LEU B 96 5.58 -8.36 -6.31
CA LEU B 96 6.03 -9.10 -5.13
C LEU B 96 7.56 -9.00 -5.04
N LEU B 97 8.06 -8.77 -3.83
CA LEU B 97 9.51 -8.71 -3.61
C LEU B 97 9.93 -9.88 -2.76
N ARG B 98 10.87 -10.69 -3.24
CA ARG B 98 11.44 -11.74 -2.41
C ARG B 98 12.60 -11.13 -1.64
N LEU B 99 12.57 -11.26 -0.32
CA LEU B 99 13.60 -10.67 0.57
C LEU B 99 14.83 -11.58 0.64
N ALA B 100 15.99 -10.96 0.88
CA ALA B 100 17.24 -11.72 0.89
C ALA B 100 17.32 -12.67 2.09
N GLN B 101 16.64 -12.30 3.15
CA GLN B 101 16.57 -13.08 4.37
C GLN B 101 15.12 -13.16 4.83
N SER B 102 14.79 -14.20 5.59
CA SER B 102 13.46 -14.27 6.20
C SER B 102 13.49 -13.48 7.49
N VAL B 103 12.51 -12.60 7.65
CA VAL B 103 12.44 -11.76 8.84
C VAL B 103 11.83 -12.54 10.01
N THR B 104 12.09 -12.06 11.22
CA THR B 104 11.64 -12.70 12.44
C THR B 104 10.34 -12.03 12.89
N LEU B 105 9.32 -12.82 13.23
CA LEU B 105 8.04 -12.28 13.61
C LEU B 105 7.95 -11.98 15.09
N ASN B 106 7.23 -10.90 15.41
CA ASN B 106 6.99 -10.48 16.76
C ASN B 106 5.82 -9.46 16.76
N SER B 107 5.64 -8.72 17.87
CA SER B 107 4.49 -7.79 17.99
C SER B 107 4.52 -6.72 16.92
N TYR B 108 5.72 -6.43 16.39
CA TYR B 108 5.92 -5.37 15.40
C TYR B 108 6.04 -5.89 13.96
N VAL B 109 6.12 -7.21 13.80
CA VAL B 109 6.40 -7.82 12.51
C VAL B 109 5.53 -9.06 12.38
N GLN B 110 4.49 -8.96 11.54
CA GLN B 110 3.55 -10.06 11.34
C GLN B 110 3.15 -10.11 9.88
N LEU B 111 2.69 -11.29 9.44
CA LEU B 111 2.21 -11.39 8.05
C LEU B 111 0.87 -10.72 7.94
N GLY B 112 0.62 -10.12 6.80
CA GLY B 112 -0.69 -9.50 6.57
C GLY B 112 -1.65 -10.57 6.15
N VAL B 113 -2.87 -10.49 6.71
CA VAL B 113 -3.96 -11.39 6.37
C VAL B 113 -4.53 -10.94 5.04
N LEU B 114 -4.66 -11.84 4.06
CA LEU B 114 -5.23 -11.48 2.77
C LEU B 114 -6.64 -12.02 2.67
N PRO B 115 -7.51 -11.32 1.91
CA PRO B 115 -8.87 -11.78 1.73
C PRO B 115 -8.94 -12.99 0.87
N ARG B 116 -10.06 -13.73 0.95
CA ARG B 116 -10.28 -14.82 0.04
C ARG B 116 -10.45 -14.25 -1.38
N ALA B 117 -10.03 -15.01 -2.37
CA ALA B 117 -10.19 -14.65 -3.78
C ALA B 117 -11.61 -14.22 -4.12
N GLY B 118 -11.72 -13.09 -4.80
CA GLY B 118 -12.99 -12.63 -5.36
C GLY B 118 -13.80 -11.78 -4.39
N THR B 119 -13.34 -11.66 -3.14
CA THR B 119 -14.10 -10.93 -2.12
C THR B 119 -14.22 -9.45 -2.49
N ILE B 120 -15.44 -8.93 -2.45
CA ILE B 120 -15.68 -7.49 -2.70
C ILE B 120 -16.37 -6.95 -1.45
N LEU B 121 -15.93 -5.77 -1.03
CA LEU B 121 -16.51 -5.14 0.15
C LEU B 121 -17.79 -4.38 -0.18
N ALA B 122 -18.76 -4.47 0.71
CA ALA B 122 -19.97 -3.66 0.63
C ALA B 122 -19.57 -2.18 0.64
N ASN B 123 -20.38 -1.37 -0.03
CA ASN B 123 -20.15 0.07 -0.04
C ASN B 123 -20.05 0.56 1.39
N ASN B 124 -19.17 1.56 1.60
CA ASN B 124 -19.00 2.18 2.94
C ASN B 124 -18.40 1.25 4.02
N SER B 125 -17.65 0.23 3.59
CA SER B 125 -16.99 -0.69 4.52
C SER B 125 -15.88 0.02 5.25
N PRO B 126 -15.69 -0.29 6.54
CA PRO B 126 -14.66 0.34 7.35
C PRO B 126 -13.27 -0.17 7.01
N CYS B 127 -12.38 0.78 6.67
CA CYS B 127 -10.98 0.47 6.37
C CYS B 127 -10.09 1.59 6.88
N TYR B 128 -8.83 1.24 7.10
CA TYR B 128 -7.78 2.24 7.36
C TYR B 128 -6.69 2.13 6.35
N ILE B 129 -6.27 3.28 5.83
CA ILE B 129 -4.99 3.32 5.09
C ILE B 129 -3.87 3.60 6.08
N THR B 130 -2.68 3.02 5.87
CA THR B 130 -1.55 3.33 6.71
C THR B 130 -0.35 3.66 5.82
N GLY B 131 0.54 4.51 6.34
CA GLY B 131 1.78 4.76 5.61
C GLY B 131 2.52 5.99 6.08
N TRP B 132 3.69 6.20 5.50
CA TRP B 132 4.50 7.39 5.84
C TRP B 132 4.45 8.45 4.74
N GLY B 133 3.49 8.34 3.83
CA GLY B 133 3.39 9.28 2.73
C GLY B 133 3.10 10.71 3.16
N LEU B 134 3.08 11.62 2.16
CA LEU B 134 2.88 13.05 2.46
C LEU B 134 1.66 13.28 3.34
N THR B 135 1.80 14.23 4.26
CA THR B 135 0.70 14.52 5.17
C THR B 135 -0.17 15.65 4.64
N ARG B 136 0.23 16.24 3.50
CA ARG B 136 -0.61 17.21 2.78
C ARG B 136 -0.24 17.08 1.30
N THR B 137 -1.15 17.48 0.41
CA THR B 137 -0.81 17.59 -1.01
C THR B 137 0.40 18.48 -1.14
N ASN B 138 1.38 17.99 -1.89
CA ASN B 138 2.64 18.72 -2.11
C ASN B 138 3.34 19.02 -0.79
N GLY B 139 3.16 18.14 0.20
CA GLY B 139 3.73 18.32 1.54
C GLY B 139 4.97 17.49 1.68
N GLN B 140 5.13 16.94 2.88
CA GLN B 140 6.31 16.12 3.18
C GLN B 140 5.90 14.81 3.85
N LEU B 141 6.79 13.83 3.75
CA LEU B 141 6.53 12.54 4.40
C LEU B 141 6.34 12.69 5.90
N ALA B 142 5.53 11.78 6.44
CA ALA B 142 5.42 11.65 7.90
C ALA B 142 6.69 11.09 8.49
N GLN B 143 6.99 11.51 9.71
CA GLN B 143 8.04 10.79 10.48
C GLN B 143 7.51 9.47 11.02
N THR B 144 6.35 9.52 11.69
CA THR B 144 5.78 8.34 12.32
C THR B 144 4.66 7.78 11.44
N LEU B 145 4.50 6.46 11.48
CA LEU B 145 3.45 5.81 10.68
C LEU B 145 2.09 6.39 10.96
N GLN B 146 1.34 6.73 9.90
CA GLN B 146 0.03 7.36 10.08
C GLN B 146 -1.06 6.41 9.63
N GLN B 147 -2.25 6.63 10.18
CA GLN B 147 -3.42 5.85 9.74
C GLN B 147 -4.56 6.83 9.48
N ALA B 148 -5.43 6.51 8.53
CA ALA B 148 -6.65 7.29 8.35
C ALA B 148 -7.80 6.38 7.99
N TYR B 149 -8.98 6.72 8.54
CA TYR B 149 -10.20 5.92 8.32
C TYR B 149 -10.73 6.32 6.94
N LEU B 150 -10.80 5.37 6.02
CA LEU B 150 -11.28 5.63 4.65
C LEU B 150 -12.30 4.55 4.33
N PRO B 151 -13.59 4.87 4.42
CA PRO B 151 -14.62 3.89 4.06
C PRO B 151 -14.62 3.61 2.57
N THR B 152 -14.89 2.36 2.17
CA THR B 152 -14.93 2.08 0.75
C THR B 152 -16.03 2.81 0.00
N VAL B 153 -15.79 2.99 -1.29
CA VAL B 153 -16.76 3.51 -2.24
C VAL B 153 -16.85 2.42 -3.30
N ASP B 154 -18.00 1.77 -3.41
CA ASP B 154 -18.12 0.62 -4.29
C ASP B 154 -17.93 1.00 -5.76
N TYR B 155 -17.76 -0.03 -6.59
CA TYR B 155 -17.48 0.21 -8.00
C TYR B 155 -18.54 1.03 -8.71
N ALA B 156 -19.83 0.74 -8.47
CA ALA B 156 -20.87 1.52 -9.16
C ALA B 156 -20.74 3.04 -8.93
N ILE B 157 -20.42 3.43 -7.70
CA ILE B 157 -20.29 4.86 -7.33
C ILE B 157 -18.93 5.36 -7.79
N CYS B 158 -17.89 4.59 -7.51
CA CYS B 158 -16.53 5.06 -7.82
C CYS B 158 -16.31 5.29 -9.31
N SER B 159 -16.99 4.48 -10.12
CA SER B 159 -16.81 4.57 -11.57
C SER B 159 -17.84 5.49 -12.21
N SER B 160 -18.64 6.16 -11.38
CA SER B 160 -19.62 7.15 -11.83
C SER B 160 -18.89 8.45 -12.26
N SER B 161 -19.57 9.30 -13.04
CA SER B 161 -18.92 10.46 -13.66
C SER B 161 -18.30 11.48 -12.72
N SER B 162 -18.94 11.76 -11.58
CA SER B 162 -18.43 12.77 -10.67
C SER B 162 -17.31 12.23 -9.77
N TYR B 163 -17.13 10.91 -9.78
CA TYR B 163 -16.00 10.27 -9.08
C TYR B 163 -14.86 10.01 -10.07
N TRP B 164 -14.51 8.73 -10.31
CA TRP B 164 -13.41 8.41 -11.20
C TRP B 164 -13.75 8.00 -12.62
N GLY B 165 -15.04 7.84 -12.93
CA GLY B 165 -15.42 7.47 -14.28
C GLY B 165 -14.75 6.17 -14.71
N SER B 166 -14.38 6.07 -15.99
CA SER B 166 -13.78 4.87 -16.60
C SER B 166 -12.37 4.57 -16.06
N THR B 167 -11.81 5.51 -15.31
CA THR B 167 -10.46 5.35 -14.77
C THR B 167 -10.39 4.19 -13.78
N VAL B 168 -11.48 3.99 -13.03
CA VAL B 168 -11.48 2.93 -12.03
C VAL B 168 -12.00 1.65 -12.66
N LYS B 169 -11.33 0.56 -12.33
CA LYS B 169 -11.68 -0.75 -12.85
C LYS B 169 -12.16 -1.63 -11.69
N ASN B 170 -12.87 -2.70 -12.03
CA ASN B 170 -13.33 -3.61 -10.97
C ASN B 170 -12.19 -4.37 -10.28
N SER B 171 -10.98 -4.28 -10.84
CA SER B 171 -9.81 -4.88 -10.19
C SER B 171 -9.22 -3.93 -9.15
N MET B 172 -9.95 -2.86 -8.82
CA MET B 172 -9.46 -1.85 -7.87
C MET B 172 -10.47 -1.70 -6.74
N VAL B 173 -9.98 -1.17 -5.61
CA VAL B 173 -10.85 -0.75 -4.51
C VAL B 173 -10.72 0.76 -4.38
N CYS B 174 -11.85 1.46 -4.24
CA CYS B 174 -11.79 2.89 -3.93
C CYS B 174 -12.11 3.09 -2.46
N ALA B 175 -11.44 4.04 -1.81
CA ALA B 175 -11.81 4.32 -0.41
C ALA B 175 -11.53 5.76 -0.05
N GLY B 176 -12.43 6.33 0.73
CA GLY B 176 -12.30 7.73 1.14
C GLY B 176 -13.06 8.69 0.24
N GLY B 177 -12.35 9.76 -0.16
CA GLY B 177 -12.95 10.80 -1.01
C GLY B 177 -13.70 11.87 -0.24
N ASP B 178 -13.47 11.99 1.08
CA ASP B 178 -14.18 13.02 1.86
C ASP B 178 -13.60 14.42 1.77
N GLY B 179 -12.46 14.55 1.10
CA GLY B 179 -11.82 15.86 0.94
C GLY B 179 -10.88 16.22 2.06
N VAL B 180 -10.76 15.35 3.06
CA VAL B 180 -9.96 15.65 4.26
C VAL B 180 -8.87 14.59 4.43
N ARG B 181 -9.26 13.32 4.27
CA ARG B 181 -8.41 12.16 4.53
C ARG B 181 -8.13 11.41 3.27
N SER B 182 -6.88 10.96 3.09
CA SER B 182 -6.51 10.29 1.82
C SER B 182 -5.13 9.69 1.89
N GLY B 183 -4.81 8.81 0.94
CA GLY B 183 -3.38 8.47 0.73
C GLY B 183 -2.70 9.66 0.09
N CYS B 184 -1.37 9.63 0.04
CA CYS B 184 -0.66 10.70 -0.69
C CYS B 184 0.69 10.10 -1.08
N GLN B 185 1.48 10.84 -1.85
CA GLN B 185 2.74 10.27 -2.36
C GLN B 185 3.60 9.69 -1.26
N GLY B 186 4.11 8.47 -1.47
CA GLY B 186 4.85 7.84 -0.40
C GLY B 186 4.03 6.75 0.30
N ASP B 187 2.72 6.74 0.09
CA ASP B 187 1.85 5.67 0.66
C ASP B 187 1.68 4.52 -0.30
N SER B 188 1.96 4.79 -1.59
CA SER B 188 1.78 3.78 -2.64
C SER B 188 2.42 2.47 -2.20
N GLY B 189 1.77 1.39 -2.59
CA GLY B 189 2.31 0.07 -2.33
C GLY B 189 1.91 -0.49 -0.98
N GLY B 190 1.54 0.40 -0.07
CA GLY B 190 1.12 -0.02 1.29
C GLY B 190 -0.30 -0.59 1.32
N PRO B 191 -0.71 -1.06 2.49
CA PRO B 191 -1.99 -1.71 2.71
C PRO B 191 -3.15 -0.75 2.91
N LEU B 192 -4.32 -1.23 2.47
CA LEU B 192 -5.62 -0.76 2.98
C LEU B 192 -6.15 -1.93 3.79
N HIS B 193 -6.33 -1.68 5.09
CA HIS B 193 -6.78 -2.73 6.01
C HIS B 193 -8.26 -2.58 6.24
N CYS B 194 -9.03 -3.63 6.00
CA CYS B 194 -10.49 -3.49 6.16
C CYS B 194 -11.01 -4.56 7.07
N LEU B 195 -11.98 -4.17 7.90
CA LEU B 195 -12.49 -5.04 8.94
C LEU B 195 -13.63 -5.83 8.37
N VAL B 196 -13.46 -7.16 8.38
CA VAL B 196 -14.48 -8.05 7.88
C VAL B 196 -14.56 -9.24 8.84
N ASN B 197 -15.77 -9.51 9.34
CA ASN B 197 -16.03 -10.57 10.31
C ASN B 197 -15.06 -10.54 11.48
N GLY B 198 -14.82 -9.33 11.97
CA GLY B 198 -14.04 -9.15 13.17
C GLY B 198 -12.54 -9.09 12.99
N GLN B 199 -12.07 -9.32 11.76
CA GLN B 199 -10.63 -9.39 11.50
C GLN B 199 -10.25 -8.39 10.42
N TYR B 200 -9.18 -7.66 10.63
CA TYR B 200 -8.65 -6.76 9.58
C TYR B 200 -7.92 -7.63 8.58
N ALA B 201 -8.16 -7.36 7.29
CA ALA B 201 -7.41 -8.00 6.24
C ALA B 201 -6.97 -6.94 5.24
N VAL B 202 -5.90 -7.24 4.52
CA VAL B 202 -5.36 -6.26 3.56
C VAL B 202 -6.09 -6.41 2.24
N HIS B 203 -7.07 -5.53 2.02
CA HIS B 203 -7.89 -5.60 0.77
C HIS B 203 -7.32 -4.77 -0.36
N GLY B 204 -6.40 -3.84 -0.06
CA GLY B 204 -5.89 -2.96 -1.12
C GLY B 204 -4.41 -2.78 -1.04
N VAL B 205 -3.79 -2.53 -2.21
CA VAL B 205 -2.42 -2.02 -2.32
C VAL B 205 -2.52 -0.59 -2.89
N THR B 206 -2.07 0.40 -2.12
CA THR B 206 -2.30 1.78 -2.53
C THR B 206 -1.71 2.06 -3.89
N SER B 207 -2.52 2.64 -4.79
CA SER B 207 -2.04 2.82 -6.16
C SER B 207 -2.02 4.27 -6.64
N PHE B 208 -3.17 4.96 -6.63
CA PHE B 208 -3.15 6.32 -7.10
C PHE B 208 -4.17 7.26 -6.46
N VAL B 209 -3.87 8.56 -6.57
CA VAL B 209 -4.82 9.63 -6.24
C VAL B 209 -4.94 10.54 -7.46
N SER B 210 -5.78 11.56 -7.35
CA SER B 210 -5.98 12.51 -8.46
C SER B 210 -4.71 13.34 -8.69
N ARG B 211 -4.44 13.69 -9.95
CA ARG B 211 -3.31 14.56 -10.24
C ARG B 211 -3.55 15.95 -9.64
N LEU B 212 -4.81 16.29 -9.38
CA LEU B 212 -5.16 17.59 -8.75
C LEU B 212 -4.77 17.70 -7.28
N GLY B 213 -4.78 16.57 -6.58
CA GLY B 213 -4.42 16.57 -5.16
C GLY B 213 -4.73 15.24 -4.47
N CYS B 214 -4.17 15.07 -3.27
CA CYS B 214 -4.36 13.83 -2.56
C CYS B 214 -5.78 13.75 -2.00
N ASN B 215 -6.13 14.71 -1.16
CA ASN B 215 -7.45 14.76 -0.53
C ASN B 215 -8.35 15.68 -1.35
N VAL B 216 -9.02 15.10 -2.32
CA VAL B 216 -9.93 15.78 -3.21
C VAL B 216 -11.31 15.10 -3.08
N THR B 217 -12.34 15.92 -2.83
CA THR B 217 -13.68 15.36 -2.60
C THR B 217 -14.11 14.63 -3.87
N ARG B 218 -14.66 13.44 -3.68
CA ARG B 218 -15.12 12.56 -4.77
C ARG B 218 -13.98 12.05 -5.66
N LYS B 219 -12.74 12.17 -5.17
CA LYS B 219 -11.61 11.42 -5.78
C LYS B 219 -10.99 10.55 -4.68
N PRO B 220 -11.70 9.50 -4.28
CA PRO B 220 -11.16 8.62 -3.26
C PRO B 220 -9.83 8.03 -3.68
N THR B 221 -9.05 7.62 -2.67
CA THR B 221 -7.80 6.96 -2.97
C THR B 221 -8.12 5.64 -3.65
N VAL B 222 -7.31 5.28 -4.64
CA VAL B 222 -7.57 4.03 -5.39
C VAL B 222 -6.46 3.01 -5.12
N PHE B 223 -6.89 1.77 -4.89
CA PHE B 223 -6.05 0.66 -4.50
C PHE B 223 -6.20 -0.50 -5.46
N THR B 224 -5.12 -1.21 -5.72
CA THR B 224 -5.24 -2.49 -6.40
C THR B 224 -6.03 -3.45 -5.48
N ARG B 225 -7.01 -4.16 -6.05
CA ARG B 225 -7.84 -5.04 -5.25
C ARG B 225 -7.10 -6.33 -5.01
N VAL B 226 -6.60 -6.53 -3.78
CA VAL B 226 -5.83 -7.75 -3.49
C VAL B 226 -6.56 -9.05 -3.86
N SER B 227 -7.87 -9.09 -3.60
CA SER B 227 -8.64 -10.33 -3.84
C SER B 227 -8.80 -10.67 -5.33
N ALA B 228 -8.39 -9.76 -6.22
CA ALA B 228 -8.33 -10.07 -7.65
C ALA B 228 -7.05 -10.81 -8.07
N TYR B 229 -6.05 -10.86 -7.16
CA TYR B 229 -4.71 -11.35 -7.48
C TYR B 229 -4.25 -12.51 -6.60
N ILE B 230 -5.16 -13.15 -5.86
CA ILE B 230 -4.76 -14.26 -4.98
C ILE B 230 -4.05 -15.38 -5.75
N SER B 231 -4.63 -15.80 -6.88
CA SER B 231 -3.98 -16.84 -7.68
C SER B 231 -2.62 -16.39 -8.21
N TRP B 232 -2.54 -15.16 -8.70
CA TRP B 232 -1.26 -14.63 -9.16
C TRP B 232 -0.20 -14.67 -8.06
N ILE B 233 -0.58 -14.20 -6.86
CA ILE B 233 0.33 -14.17 -5.72
C ILE B 233 0.80 -15.57 -5.37
N ASN B 234 -0.14 -16.51 -5.25
CA ASN B 234 0.21 -17.90 -4.95
C ASN B 234 1.14 -18.48 -6.01
N ASN B 235 0.88 -18.15 -7.28
CA ASN B 235 1.69 -18.72 -8.36
C ASN B 235 3.11 -18.21 -8.33
N VAL B 236 3.26 -16.91 -8.01
CA VAL B 236 4.60 -16.33 -7.92
C VAL B 236 5.37 -16.95 -6.78
N ILE B 237 4.75 -17.09 -5.61
CA ILE B 237 5.46 -17.61 -4.44
C ILE B 237 5.85 -19.06 -4.69
N ALA B 238 4.95 -19.83 -5.30
CA ALA B 238 5.20 -21.25 -5.63
C ALA B 238 6.31 -21.46 -6.67
N SER B 239 6.45 -20.52 -7.59
CA SER B 239 7.44 -20.66 -8.67
C SER B 239 8.79 -19.98 -8.39
N ASN B 240 8.90 -19.36 -7.21
CA ASN B 240 10.11 -18.63 -6.84
C ASN B 240 10.66 -19.01 -5.47
#